data_9JLU
#
_entry.id   9JLU
#
_cell.length_a   202.550
_cell.length_b   40.610
_cell.length_c   63.340
_cell.angle_alpha   90.00
_cell.angle_beta   96.25
_cell.angle_gamma   90.00
#
_symmetry.space_group_name_H-M   'C 1 2 1'
#
loop_
_entity.id
_entity.type
_entity.pdbx_description
1 polymer 'Glycoside hydrolase family 57 N-terminal domain-containing protein'
2 branched Cycloheptakis-(1-4)-(alpha-D-glucopyranose)
3 non-polymer GLYCEROL
4 water water
#
_entity_poly.entity_id   1
_entity_poly.type   'polypeptide(L)'
_entity_poly.pdbx_seq_one_letter_code
;MKKLFLVFWWHMHQPLYREPYTGEYLLPWTFFHAVKDYYDMPAYLKDFEIKLNFNLTPVLIDQIQEYAQGKAKDVFLEAI
RKDPDDLEKEEVEKLIEFTKLNYEKPIYRFERIRELMNKEKLNREELLDLQTLNLLAWCGRTLRKDLKDLLNKGRNYTQE
EKEYVLNKYFEIIKKTLSIYREIKEEGKGSVSTSPYYHPLIPILLNPNCVYETTPNVKIPDFAVSFREDASKHVELAKEK
YFEIFGEHPVYMWPPEASVSNEALELYYEKGINMLATDEVILKNSVERASPYLRYYFRELISVFFRDKTLSDLIGFSYHA
WNAEDAVRDFIGRLKKIHESVDFQPVVFVVLNGENCWEYYEENGIPFLEKLYSTLEKEEWIETLTLEEAMRKEDVKTEVI
ESVKAGTWFDGNFLKWIGNKEKNEYWKILIEAKKKAKNDYILVAEGSDWFWWQGEEKAPFVEVFDKLFRSFVRRAQE
;
_entity_poly.pdbx_strand_id   A
#
# COMPACT_ATOMS: atom_id res chain seq x y z
N MET A 1 18.37 -11.74 28.62
CA MET A 1 19.30 -11.74 27.48
C MET A 1 18.97 -10.61 26.53
N LYS A 2 19.98 -10.11 25.82
CA LYS A 2 19.81 -8.97 24.93
C LYS A 2 19.11 -9.38 23.65
N LYS A 3 17.92 -8.84 23.43
CA LYS A 3 17.11 -9.15 22.26
C LYS A 3 17.31 -8.09 21.18
N LEU A 4 17.03 -8.48 19.96
CA LEU A 4 16.73 -7.55 18.89
C LEU A 4 15.22 -7.52 18.72
N PHE A 5 14.63 -6.33 18.72
CA PHE A 5 13.19 -6.18 18.55
C PHE A 5 12.93 -5.84 17.09
N LEU A 6 12.14 -6.67 16.42
CA LEU A 6 11.86 -6.53 15.00
C LEU A 6 10.39 -6.19 14.81
N VAL A 7 10.10 -5.22 13.96
CA VAL A 7 8.74 -4.72 13.79
C VAL A 7 8.45 -4.64 12.29
N PHE A 8 7.59 -5.52 11.79
CA PHE A 8 7.10 -5.41 10.42
C PHE A 8 5.85 -4.55 10.41
N TRP A 9 5.77 -3.64 9.45
CA TRP A 9 4.59 -2.77 9.31
C TRP A 9 4.31 -2.70 7.81
N TRP A 10 3.30 -3.46 7.36
CA TRP A 10 2.97 -3.60 5.94
C TRP A 10 1.87 -2.63 5.57
N HIS A 11 2.14 -1.72 4.62
CA HIS A 11 1.24 -0.63 4.27
C HIS A 11 0.40 -1.03 3.06
N MET A 12 -0.93 -0.94 3.20
CA MET A 12 -1.88 -1.32 2.16
C MET A 12 -2.71 -0.13 1.74
N HIS A 13 -2.74 0.16 0.42
CA HIS A 13 -3.48 1.33 -0.03
C HIS A 13 -3.84 1.20 -1.49
N GLN A 14 -5.01 1.74 -1.86
CA GLN A 14 -5.40 1.98 -3.27
C GLN A 14 -6.16 3.31 -3.32
N PRO A 15 -5.88 4.17 -4.29
CA PRO A 15 -6.74 5.35 -4.49
C PRO A 15 -8.10 4.90 -4.99
N LEU A 16 -9.07 5.82 -4.94
CA LEU A 16 -10.44 5.48 -5.30
C LEU A 16 -10.57 5.36 -6.82
N TYR A 17 -10.84 4.14 -7.31
CA TYR A 17 -11.00 3.89 -8.74
C TYR A 17 -12.44 4.08 -9.21
N ARG A 18 -13.35 4.39 -8.29
CA ARG A 18 -14.78 4.45 -8.59
C ARG A 18 -15.14 5.83 -9.12
N GLU A 19 -15.41 5.90 -10.42
CA GLU A 19 -15.76 7.16 -11.05
C GLU A 19 -17.13 7.62 -10.54
N PRO A 20 -17.27 8.87 -10.10
CA PRO A 20 -18.48 9.26 -9.36
C PRO A 20 -19.73 9.45 -10.21
N TYR A 21 -19.60 9.74 -11.49
CA TYR A 21 -20.81 9.98 -12.29
C TYR A 21 -21.41 8.67 -12.78
N THR A 22 -20.57 7.68 -13.14
CA THR A 22 -21.06 6.38 -13.57
C THR A 22 -21.07 5.34 -12.46
N GLY A 23 -20.39 5.59 -11.35
CA GLY A 23 -20.20 4.59 -10.33
C GLY A 23 -19.30 3.43 -10.73
N GLU A 24 -18.62 3.51 -11.87
CA GLU A 24 -17.81 2.38 -12.36
C GLU A 24 -16.39 2.44 -11.82
N TYR A 25 -15.88 1.27 -11.44
CA TYR A 25 -14.47 1.13 -11.06
C TYR A 25 -13.67 1.00 -12.36
N LEU A 26 -12.88 2.03 -12.68
CA LEU A 26 -12.26 2.15 -13.99
C LEU A 26 -11.00 1.32 -14.14
N LEU A 27 -10.39 0.91 -13.03
CA LEU A 27 -9.25 0.01 -12.99
C LEU A 27 -9.52 -1.07 -11.96
N PRO A 28 -9.03 -2.29 -12.19
CA PRO A 28 -9.36 -3.44 -11.33
C PRO A 28 -8.39 -3.69 -10.18
N TRP A 29 -7.48 -2.75 -9.89
CA TRP A 29 -6.34 -3.11 -9.02
C TRP A 29 -6.76 -3.37 -7.59
N THR A 30 -7.84 -2.75 -7.11
CA THR A 30 -8.28 -3.10 -5.75
C THR A 30 -8.77 -4.53 -5.70
N PHE A 31 -9.48 -4.97 -6.73
CA PHE A 31 -9.93 -6.36 -6.80
C PHE A 31 -8.75 -7.33 -6.79
N PHE A 32 -7.80 -7.11 -7.69
CA PHE A 32 -6.69 -8.05 -7.84
C PHE A 32 -5.78 -8.08 -6.62
N HIS A 33 -5.52 -6.92 -5.99
CA HIS A 33 -4.67 -6.96 -4.80
C HIS A 33 -5.45 -7.45 -3.57
N ALA A 34 -6.77 -7.27 -3.54
CA ALA A 34 -7.56 -7.92 -2.50
C ALA A 34 -7.48 -9.44 -2.60
N VAL A 35 -7.64 -9.99 -3.81
CA VAL A 35 -7.69 -11.46 -3.92
C VAL A 35 -6.29 -12.06 -3.75
N LYS A 36 -5.24 -11.29 -4.06
CA LYS A 36 -3.87 -11.79 -4.02
C LYS A 36 -3.17 -11.49 -2.70
N ASP A 37 -3.30 -10.26 -2.16
CA ASP A 37 -2.48 -9.84 -1.02
C ASP A 37 -3.26 -9.41 0.21
N TYR A 38 -4.39 -8.69 0.07
CA TYR A 38 -4.91 -8.01 1.25
C TYR A 38 -5.47 -8.98 2.30
N TYR A 39 -5.96 -10.13 1.87
CA TYR A 39 -6.33 -11.16 2.85
C TYR A 39 -5.13 -12.00 3.22
N ASP A 40 -4.31 -12.34 2.22
CA ASP A 40 -3.29 -13.37 2.44
C ASP A 40 -2.11 -12.87 3.25
N MET A 41 -1.79 -11.56 3.22
CA MET A 41 -0.67 -11.10 4.03
C MET A 41 -0.95 -11.24 5.52
N PRO A 42 -2.08 -10.78 6.07
CA PRO A 42 -2.37 -11.09 7.48
C PRO A 42 -2.64 -12.57 7.75
N ALA A 43 -3.16 -13.31 6.75
CA ALA A 43 -3.42 -14.73 6.96
C ALA A 43 -2.15 -15.55 7.21
N TYR A 44 -0.95 -15.03 6.88
CA TYR A 44 0.26 -15.73 7.30
C TYR A 44 0.29 -15.92 8.82
N LEU A 45 -0.35 -15.01 9.57
CA LEU A 45 -0.35 -15.12 11.04
C LEU A 45 -1.10 -16.35 11.54
N LYS A 46 -1.89 -17.01 10.68
CA LYS A 46 -2.51 -18.26 11.10
C LYS A 46 -1.50 -19.39 11.22
N ASP A 47 -0.40 -19.33 10.47
CA ASP A 47 0.53 -20.44 10.39
C ASP A 47 1.86 -20.19 11.09
N PHE A 48 2.19 -18.95 11.43
CA PHE A 48 3.50 -18.63 11.94
C PHE A 48 3.35 -17.85 13.24
N GLU A 49 4.09 -18.26 14.27
CA GLU A 49 3.94 -17.71 15.62
C GLU A 49 4.85 -16.50 15.80
N ILE A 50 4.56 -15.45 15.04
CA ILE A 50 5.24 -14.18 15.11
C ILE A 50 4.19 -13.08 15.15
N LYS A 51 4.65 -11.83 15.27
CA LYS A 51 3.79 -10.66 15.17
C LYS A 51 4.07 -9.94 13.86
N LEU A 52 3.00 -9.42 13.23
CA LEU A 52 3.11 -8.63 12.02
C LEU A 52 2.06 -7.53 12.09
N ASN A 53 2.41 -6.32 11.65
CA ASN A 53 1.51 -5.17 11.74
C ASN A 53 1.13 -4.70 10.34
N PHE A 54 0.03 -3.97 10.28
CA PHE A 54 -0.55 -3.57 9.00
C PHE A 54 -1.08 -2.16 9.10
N ASN A 55 -0.97 -1.43 7.99
CA ASN A 55 -1.66 -0.18 7.79
C ASN A 55 -2.70 -0.37 6.69
N LEU A 56 -3.90 0.12 6.92
CA LEU A 56 -4.95 0.11 5.91
C LEU A 56 -5.44 1.53 5.74
N THR A 57 -5.41 2.05 4.49
CA THR A 57 -6.00 3.38 4.35
C THR A 57 -7.53 3.27 4.32
N PRO A 58 -8.22 4.28 4.85
CA PRO A 58 -9.69 4.25 4.81
C PRO A 58 -10.27 4.18 3.40
N VAL A 59 -9.68 4.88 2.43
CA VAL A 59 -10.20 4.78 1.08
C VAL A 59 -10.07 3.36 0.54
N LEU A 60 -9.02 2.61 0.92
CA LEU A 60 -8.96 1.19 0.53
C LEU A 60 -10.04 0.38 1.23
N ILE A 61 -10.25 0.60 2.53
CA ILE A 61 -11.31 -0.12 3.25
C ILE A 61 -12.66 0.08 2.55
N ASP A 62 -12.95 1.32 2.15
CA ASP A 62 -14.22 1.61 1.46
C ASP A 62 -14.41 0.72 0.23
N GLN A 63 -13.35 0.57 -0.57
CA GLN A 63 -13.47 -0.20 -1.81
C GLN A 63 -13.59 -1.69 -1.53
N ILE A 64 -12.85 -2.20 -0.54
CA ILE A 64 -13.00 -3.61 -0.16
C ILE A 64 -14.43 -3.90 0.25
N GLN A 65 -15.03 -2.99 1.02
CA GLN A 65 -16.42 -3.17 1.44
C GLN A 65 -17.38 -3.21 0.25
N GLU A 66 -17.14 -2.36 -0.76
CA GLU A 66 -18.02 -2.33 -1.92
C GLU A 66 -17.93 -3.62 -2.73
N TYR A 67 -16.71 -4.13 -2.95
CA TYR A 67 -16.58 -5.41 -3.64
C TYR A 67 -17.20 -6.54 -2.84
N ALA A 68 -16.96 -6.55 -1.52
CA ALA A 68 -17.51 -7.60 -0.67
C ALA A 68 -19.02 -7.60 -0.70
N GLN A 69 -19.64 -6.42 -0.80
CA GLN A 69 -21.09 -6.33 -0.85
C GLN A 69 -21.66 -6.67 -2.24
N GLY A 70 -20.81 -6.97 -3.21
CA GLY A 70 -21.28 -7.22 -4.56
C GLY A 70 -21.73 -5.98 -5.30
N LYS A 71 -21.36 -4.80 -4.83
CA LYS A 71 -21.82 -3.56 -5.43
C LYS A 71 -20.81 -2.88 -6.38
N ALA A 72 -19.59 -3.38 -6.41
CA ALA A 72 -18.56 -2.78 -7.26
C ALA A 72 -18.79 -3.14 -8.73
N LYS A 73 -18.96 -2.12 -9.58
CA LYS A 73 -19.13 -2.30 -11.02
C LYS A 73 -17.77 -2.06 -11.69
N ASP A 74 -17.06 -3.14 -11.99
CA ASP A 74 -15.64 -3.11 -12.37
C ASP A 74 -15.54 -3.38 -13.86
N VAL A 75 -15.12 -2.37 -14.63
CA VAL A 75 -15.25 -2.46 -16.09
C VAL A 75 -14.34 -3.55 -16.64
N PHE A 76 -13.12 -3.68 -16.12
CA PHE A 76 -12.21 -4.71 -16.61
C PHE A 76 -12.66 -6.11 -16.20
N LEU A 77 -13.17 -6.25 -14.98
CA LEU A 77 -13.68 -7.56 -14.55
C LEU A 77 -14.87 -8.00 -15.38
N GLU A 78 -15.65 -7.05 -15.91
CA GLU A 78 -16.74 -7.41 -16.82
C GLU A 78 -16.23 -8.07 -18.07
N ALA A 79 -15.10 -7.59 -18.61
CA ALA A 79 -14.51 -8.24 -19.77
C ALA A 79 -13.95 -9.62 -19.42
N ILE A 80 -13.52 -9.83 -18.18
CA ILE A 80 -13.10 -11.17 -17.76
C ILE A 80 -14.30 -12.09 -17.66
N ARG A 81 -15.37 -11.62 -17.00
CA ARG A 81 -16.51 -12.51 -16.71
C ARG A 81 -17.27 -12.93 -17.97
N LYS A 82 -17.37 -12.05 -18.97
CA LYS A 82 -18.18 -12.34 -20.14
C LYS A 82 -17.71 -13.59 -20.88
N ASP A 83 -18.67 -14.31 -21.47
CA ASP A 83 -18.33 -15.29 -22.48
C ASP A 83 -17.63 -14.58 -23.63
N PRO A 84 -16.50 -15.10 -24.13
CA PRO A 84 -15.79 -14.38 -25.20
C PRO A 84 -16.64 -14.05 -26.41
N ASP A 85 -17.66 -14.85 -26.73
CA ASP A 85 -18.54 -14.51 -27.85
C ASP A 85 -19.23 -13.17 -27.67
N ASP A 86 -19.38 -12.71 -26.43
CA ASP A 86 -20.04 -11.44 -26.13
C ASP A 86 -19.07 -10.26 -26.01
N LEU A 87 -17.77 -10.49 -26.15
CA LEU A 87 -16.78 -9.42 -25.99
C LEU A 87 -16.79 -8.49 -27.19
N GLU A 88 -16.78 -7.20 -26.92
CA GLU A 88 -16.52 -6.23 -27.97
C GLU A 88 -15.03 -6.18 -28.28
N LYS A 89 -14.69 -5.69 -29.48
CA LYS A 89 -13.28 -5.54 -29.85
C LYS A 89 -12.52 -4.71 -28.82
N GLU A 90 -13.13 -3.65 -28.35
CA GLU A 90 -12.48 -2.82 -27.40
C GLU A 90 -12.14 -3.64 -26.12
N GLU A 91 -12.99 -4.60 -25.74
CA GLU A 91 -12.75 -5.38 -24.53
C GLU A 91 -11.65 -6.42 -24.74
N VAL A 92 -11.62 -7.05 -25.91
CA VAL A 92 -10.50 -7.94 -26.24
C VAL A 92 -9.19 -7.16 -26.21
N GLU A 93 -9.19 -5.96 -26.78
CA GLU A 93 -8.00 -5.11 -26.75
C GLU A 93 -7.53 -4.85 -25.32
N LYS A 94 -8.46 -4.51 -24.42
CA LYS A 94 -8.08 -4.23 -23.04
C LYS A 94 -7.49 -5.48 -22.39
N LEU A 95 -8.06 -6.65 -22.71
CA LEU A 95 -7.58 -7.91 -22.16
C LEU A 95 -6.14 -8.19 -22.58
N ILE A 96 -5.85 -7.98 -23.86
CA ILE A 96 -4.50 -8.18 -24.37
C ILE A 96 -3.53 -7.18 -23.75
N GLU A 97 -3.94 -5.91 -23.68
CA GLU A 97 -3.05 -4.90 -23.11
C GLU A 97 -2.75 -5.18 -21.64
N PHE A 98 -3.76 -5.59 -20.89
CA PHE A 98 -3.55 -5.95 -19.48
C PHE A 98 -2.56 -7.10 -19.36
N THR A 99 -2.73 -8.12 -20.19
CA THR A 99 -1.80 -9.25 -20.18
C THR A 99 -0.38 -8.81 -20.50
N LYS A 100 -0.20 -8.06 -21.60
CA LYS A 100 1.13 -7.57 -21.97
C LYS A 100 1.75 -6.72 -20.86
N LEU A 101 0.94 -5.94 -20.16
CA LEU A 101 1.44 -5.12 -19.06
C LEU A 101 2.08 -5.99 -17.98
N ASN A 102 1.51 -7.17 -17.74
CA ASN A 102 1.92 -8.03 -16.64
C ASN A 102 2.81 -9.17 -17.09
N TYR A 103 3.06 -9.25 -18.41
CA TYR A 103 3.61 -10.44 -19.05
C TYR A 103 4.93 -10.91 -18.42
N GLU A 104 5.80 -9.97 -18.03
CA GLU A 104 7.11 -10.38 -17.56
C GLU A 104 7.12 -10.76 -16.08
N LYS A 105 6.00 -10.63 -15.39
CA LYS A 105 5.98 -10.92 -13.95
C LYS A 105 5.93 -12.43 -13.72
N PRO A 106 6.68 -12.94 -12.72
CA PRO A 106 6.70 -14.39 -12.50
C PRO A 106 5.34 -14.98 -12.18
N ILE A 107 4.41 -14.20 -11.62
CA ILE A 107 3.05 -14.73 -11.41
C ILE A 107 2.32 -14.96 -12.72
N TYR A 108 2.83 -14.44 -13.84
CA TYR A 108 2.23 -14.71 -15.14
C TYR A 108 2.95 -15.82 -15.89
N ARG A 109 3.79 -16.59 -15.23
CA ARG A 109 4.57 -17.64 -15.89
C ARG A 109 3.70 -18.88 -16.07
N PHE A 110 2.80 -18.80 -17.06
CA PHE A 110 2.05 -19.94 -17.56
C PHE A 110 2.46 -20.13 -19.00
N GLU A 111 2.78 -21.38 -19.37
CA GLU A 111 3.14 -21.64 -20.76
C GLU A 111 1.98 -21.26 -21.70
N ARG A 112 0.74 -21.49 -21.26
CA ARG A 112 -0.40 -21.14 -22.12
C ARG A 112 -0.47 -19.65 -22.39
N ILE A 113 -0.09 -18.81 -21.44
CA ILE A 113 -0.04 -17.38 -21.70
C ILE A 113 0.94 -17.07 -22.83
N ARG A 114 2.11 -17.73 -22.83
CA ARG A 114 3.08 -17.52 -23.89
C ARG A 114 2.50 -17.87 -25.26
N GLU A 115 1.80 -19.01 -25.36
CA GLU A 115 1.19 -19.40 -26.63
C GLU A 115 0.19 -18.35 -27.09
N LEU A 116 -0.67 -17.88 -26.17
CA LEU A 116 -1.74 -16.97 -26.57
C LEU A 116 -1.19 -15.64 -27.04
N MET A 117 -0.12 -15.15 -26.41
CA MET A 117 0.43 -13.86 -26.78
C MET A 117 1.23 -13.91 -28.07
N ASN A 118 1.47 -15.11 -28.63
CA ASN A 118 2.14 -15.25 -29.91
C ASN A 118 1.19 -15.66 -31.03
N LYS A 119 -0.09 -15.85 -30.73
CA LYS A 119 -1.08 -16.14 -31.76
C LYS A 119 -1.63 -14.83 -32.31
N GLU A 120 -1.79 -14.78 -33.64
CA GLU A 120 -2.20 -13.53 -34.26
C GLU A 120 -3.68 -13.23 -34.04
N LYS A 121 -4.50 -14.27 -33.92
CA LYS A 121 -5.91 -14.08 -33.58
C LYS A 121 -6.35 -15.21 -32.68
N LEU A 122 -7.22 -14.88 -31.73
CA LEU A 122 -7.68 -15.82 -30.69
C LEU A 122 -9.14 -16.19 -30.93
N ASN A 123 -9.45 -17.48 -30.83
CA ASN A 123 -10.83 -17.95 -30.92
C ASN A 123 -11.46 -17.95 -29.53
N ARG A 124 -12.69 -18.46 -29.42
CA ARG A 124 -13.42 -18.42 -28.15
C ARG A 124 -12.67 -19.16 -27.05
N GLU A 125 -12.21 -20.38 -27.32
CA GLU A 125 -11.55 -21.16 -26.28
C GLU A 125 -10.23 -20.53 -25.85
N GLU A 126 -9.51 -19.92 -26.81
CA GLU A 126 -8.26 -19.25 -26.46
C GLU A 126 -8.53 -18.01 -25.61
N LEU A 127 -9.57 -17.25 -25.93
CA LEU A 127 -9.92 -16.10 -25.09
C LEU A 127 -10.39 -16.53 -23.71
N LEU A 128 -11.09 -17.67 -23.60
CA LEU A 128 -11.47 -18.18 -22.28
C LEU A 128 -10.23 -18.46 -21.44
N ASP A 129 -9.19 -19.00 -22.06
CA ASP A 129 -7.95 -19.26 -21.33
C ASP A 129 -7.28 -17.95 -20.94
N LEU A 130 -7.29 -16.97 -21.86
CA LEU A 130 -6.71 -15.66 -21.54
C LEU A 130 -7.42 -15.03 -20.35
N GLN A 131 -8.75 -15.04 -20.36
CA GLN A 131 -9.50 -14.48 -19.22
C GLN A 131 -9.18 -15.22 -17.93
N THR A 132 -9.21 -16.56 -17.99
CA THR A 132 -9.07 -17.35 -16.77
C THR A 132 -7.65 -17.33 -16.25
N LEU A 133 -6.65 -17.30 -17.12
CA LEU A 133 -5.27 -17.25 -16.65
C LEU A 133 -4.92 -15.89 -16.08
N ASN A 134 -5.54 -14.82 -16.58
CA ASN A 134 -5.36 -13.53 -15.93
C ASN A 134 -5.88 -13.56 -14.51
N LEU A 135 -7.09 -14.12 -14.30
CA LEU A 135 -7.56 -14.33 -12.93
C LEU A 135 -6.60 -15.17 -12.11
N LEU A 136 -6.20 -16.34 -12.64
CA LEU A 136 -5.41 -17.28 -11.83
C LEU A 136 -4.02 -16.76 -11.53
N ALA A 137 -3.49 -15.88 -12.40
CA ALA A 137 -2.19 -15.26 -12.11
C ALA A 137 -2.20 -14.49 -10.79
N TRP A 138 -3.35 -13.92 -10.42
CA TRP A 138 -3.47 -13.11 -9.22
C TRP A 138 -3.92 -13.92 -8.01
N CYS A 139 -3.81 -15.24 -8.08
CA CYS A 139 -4.30 -16.09 -7.00
C CYS A 139 -3.42 -15.96 -5.77
N GLY A 140 -4.05 -15.80 -4.60
CA GLY A 140 -3.33 -15.67 -3.35
C GLY A 140 -2.94 -17.00 -2.76
N ARG A 141 -2.11 -16.93 -1.70
CA ARG A 141 -1.56 -18.11 -1.06
C ARG A 141 -2.66 -19.08 -0.64
N THR A 142 -3.74 -18.57 -0.05
CA THR A 142 -4.78 -19.45 0.50
C THR A 142 -5.47 -20.26 -0.59
N LEU A 143 -5.87 -19.59 -1.68
CA LEU A 143 -6.59 -20.32 -2.72
C LEU A 143 -5.68 -21.13 -3.61
N ARG A 144 -4.37 -20.83 -3.63
CA ARG A 144 -3.43 -21.70 -4.34
C ARG A 144 -3.52 -23.11 -3.81
N LYS A 145 -3.87 -23.27 -2.53
CA LYS A 145 -4.15 -24.60 -1.99
C LYS A 145 -5.40 -25.21 -2.62
N ASP A 146 -6.51 -24.44 -2.66
CA ASP A 146 -7.80 -25.03 -3.00
C ASP A 146 -8.08 -25.07 -4.50
N LEU A 147 -7.43 -24.21 -5.29
CA LEU A 147 -7.60 -24.22 -6.74
C LEU A 147 -6.48 -24.99 -7.46
N LYS A 148 -5.77 -25.87 -6.76
CA LYS A 148 -4.60 -26.52 -7.38
C LYS A 148 -4.98 -27.26 -8.65
N ASP A 149 -6.15 -27.90 -8.67
CA ASP A 149 -6.62 -28.56 -9.88
C ASP A 149 -6.60 -27.61 -11.07
N LEU A 150 -7.24 -26.45 -10.93
CA LEU A 150 -7.31 -25.50 -12.03
C LEU A 150 -5.95 -24.92 -12.36
N LEU A 151 -5.10 -24.72 -11.35
CA LEU A 151 -3.81 -24.07 -11.60
C LEU A 151 -2.88 -25.00 -12.37
N ASN A 152 -2.81 -26.27 -11.97
CA ASN A 152 -1.92 -27.22 -12.67
C ASN A 152 -2.45 -27.58 -14.04
N LYS A 153 -3.78 -27.53 -14.21
CA LYS A 153 -4.40 -27.74 -15.52
C LYS A 153 -3.75 -26.85 -16.59
N GLY A 154 -3.72 -25.54 -16.34
CA GLY A 154 -2.93 -24.60 -17.11
C GLY A 154 -3.52 -24.12 -18.42
N ARG A 155 -4.64 -24.71 -18.87
CA ARG A 155 -5.21 -24.41 -20.19
C ARG A 155 -6.57 -25.11 -20.27
N ASN A 156 -7.30 -24.80 -21.36
CA ASN A 156 -8.60 -25.41 -21.68
C ASN A 156 -9.61 -25.19 -20.56
N TYR A 157 -9.67 -23.96 -20.07
CA TYR A 157 -10.64 -23.59 -19.08
C TYR A 157 -12.02 -23.38 -19.73
N THR A 158 -13.06 -23.67 -18.95
CA THR A 158 -14.43 -23.46 -19.37
C THR A 158 -15.00 -22.18 -18.76
N GLN A 159 -16.07 -21.67 -19.36
CA GLN A 159 -16.79 -20.54 -18.77
C GLN A 159 -17.22 -20.85 -17.33
N GLU A 160 -17.63 -22.09 -17.05
CA GLU A 160 -18.10 -22.45 -15.72
C GLU A 160 -16.95 -22.50 -14.72
N GLU A 161 -15.76 -22.93 -15.16
CA GLU A 161 -14.62 -22.94 -14.26
C GLU A 161 -14.17 -21.52 -13.94
N LYS A 162 -14.21 -20.63 -14.94
CA LYS A 162 -13.88 -19.23 -14.70
C LYS A 162 -14.85 -18.60 -13.70
N GLU A 163 -16.15 -18.86 -13.85
CA GLU A 163 -17.11 -18.32 -12.88
C GLU A 163 -16.87 -18.89 -11.49
N TYR A 164 -16.41 -20.15 -11.41
CA TYR A 164 -16.06 -20.74 -10.12
C TYR A 164 -14.90 -19.99 -9.48
N VAL A 165 -13.87 -19.68 -10.26
CA VAL A 165 -12.74 -18.91 -9.71
C VAL A 165 -13.21 -17.55 -9.20
N LEU A 166 -14.05 -16.87 -9.98
CA LEU A 166 -14.57 -15.58 -9.54
C LEU A 166 -15.31 -15.70 -8.22
N ASN A 167 -16.13 -16.75 -8.06
CA ASN A 167 -16.89 -16.92 -6.83
C ASN A 167 -15.96 -17.09 -5.63
N LYS A 168 -14.94 -17.95 -5.76
CA LYS A 168 -13.98 -18.14 -4.69
C LYS A 168 -13.26 -16.82 -4.38
N TYR A 169 -12.95 -16.05 -5.43
CA TYR A 169 -12.22 -14.80 -5.22
C TYR A 169 -13.06 -13.82 -4.41
N PHE A 170 -14.37 -13.74 -4.69
CA PHE A 170 -15.19 -12.84 -3.91
C PHE A 170 -15.37 -13.33 -2.48
N GLU A 171 -15.30 -14.66 -2.27
CA GLU A 171 -15.32 -15.19 -0.90
C GLU A 171 -14.10 -14.71 -0.11
N ILE A 172 -12.93 -14.68 -0.75
CA ILE A 172 -11.75 -14.12 -0.11
C ILE A 172 -11.97 -12.66 0.24
N ILE A 173 -12.55 -11.89 -0.70
CA ILE A 173 -12.76 -10.46 -0.43
C ILE A 173 -13.70 -10.28 0.75
N LYS A 174 -14.74 -11.10 0.83
CA LYS A 174 -15.71 -11.00 1.91
C LYS A 174 -15.10 -11.28 3.27
N LYS A 175 -14.02 -12.02 3.32
CA LYS A 175 -13.37 -12.36 4.59
C LYS A 175 -12.21 -11.42 4.93
N THR A 176 -11.95 -10.42 4.09
CA THR A 176 -10.69 -9.68 4.23
C THR A 176 -10.69 -8.77 5.47
N LEU A 177 -11.70 -7.93 5.65
CA LEU A 177 -11.69 -7.10 6.85
C LEU A 177 -11.77 -7.92 8.12
N SER A 178 -12.47 -9.06 8.09
CA SER A 178 -12.54 -9.93 9.27
C SER A 178 -11.17 -10.45 9.70
N ILE A 179 -10.26 -10.72 8.77
CA ILE A 179 -9.00 -11.28 9.22
C ILE A 179 -8.16 -10.20 9.91
N TYR A 180 -8.29 -8.94 9.48
CA TYR A 180 -7.60 -7.88 10.21
C TYR A 180 -8.17 -7.73 11.63
N ARG A 181 -9.50 -7.76 11.77
CA ARG A 181 -10.09 -7.77 13.10
C ARG A 181 -9.57 -8.94 13.93
N GLU A 182 -9.48 -10.12 13.29
CA GLU A 182 -9.10 -11.34 13.98
C GLU A 182 -7.67 -11.28 14.53
N ILE A 183 -6.70 -10.89 13.68
CA ILE A 183 -5.33 -10.89 14.16
C ILE A 183 -5.12 -9.78 15.20
N LYS A 184 -5.91 -8.72 15.12
CA LYS A 184 -5.90 -7.71 16.17
C LYS A 184 -6.45 -8.26 17.47
N GLU A 185 -7.63 -8.90 17.41
CA GLU A 185 -8.25 -9.47 18.62
C GLU A 185 -7.35 -10.53 19.25
N GLU A 186 -6.61 -11.27 18.45
CA GLU A 186 -5.74 -12.32 18.94
C GLU A 186 -4.38 -11.81 19.43
N GLY A 187 -4.13 -10.50 19.39
CA GLY A 187 -2.82 -10.00 19.79
C GLY A 187 -1.68 -10.38 18.86
N LYS A 188 -1.98 -10.78 17.62
CA LYS A 188 -0.92 -11.17 16.70
C LYS A 188 -0.41 -10.02 15.85
N GLY A 189 -1.10 -8.89 15.85
CA GLY A 189 -0.65 -7.73 15.12
C GLY A 189 -1.45 -6.50 15.46
N SER A 190 -0.82 -5.33 15.31
CA SER A 190 -1.55 -4.08 15.41
C SER A 190 -1.97 -3.66 14.01
N VAL A 191 -3.08 -2.94 13.92
CA VAL A 191 -3.55 -2.39 12.65
C VAL A 191 -3.62 -0.88 12.82
N SER A 192 -2.97 -0.17 11.89
CA SER A 192 -2.98 1.29 11.88
C SER A 192 -3.82 1.76 10.69
N THR A 193 -3.96 3.09 10.58
CA THR A 193 -4.55 3.68 9.38
C THR A 193 -3.77 4.95 9.06
N SER A 194 -4.13 5.60 7.94
CA SER A 194 -3.56 6.86 7.48
C SER A 194 -4.67 7.89 7.34
N PRO A 195 -4.32 9.18 7.24
CA PRO A 195 -5.32 10.18 6.80
C PRO A 195 -6.08 9.67 5.58
N TYR A 196 -7.38 10.01 5.54
CA TYR A 196 -8.38 9.22 4.82
C TYR A 196 -7.97 8.88 3.36
N TYR A 197 -7.69 9.90 2.54
CA TYR A 197 -7.41 9.64 1.13
C TYR A 197 -5.91 9.62 0.79
N HIS A 198 -5.06 9.32 1.77
CA HIS A 198 -3.61 9.23 1.57
C HIS A 198 -3.04 10.54 1.01
N PRO A 199 -3.36 11.71 1.58
CA PRO A 199 -2.79 12.97 1.09
C PRO A 199 -1.37 13.20 1.61
N LEU A 200 -0.71 14.25 1.07
CA LEU A 200 0.57 14.75 1.63
C LEU A 200 0.25 15.84 2.65
N ILE A 201 0.18 15.44 3.93
CA ILE A 201 -0.21 16.38 4.99
C ILE A 201 0.72 17.58 5.09
N PRO A 202 2.05 17.43 5.06
CA PRO A 202 2.89 18.63 5.17
C PRO A 202 2.58 19.69 4.13
N ILE A 203 2.23 19.30 2.90
CA ILE A 203 1.93 20.30 1.88
C ILE A 203 0.59 20.97 2.18
N LEU A 204 -0.42 20.18 2.54
CA LEU A 204 -1.72 20.77 2.88
C LEU A 204 -1.59 21.79 4.02
N LEU A 205 -0.71 21.53 4.99
CA LEU A 205 -0.56 22.45 6.11
C LEU A 205 0.31 23.66 5.75
N ASN A 206 1.35 23.44 4.94
CA ASN A 206 2.31 24.50 4.68
C ASN A 206 3.12 24.14 3.44
N PRO A 207 2.69 24.57 2.25
CA PRO A 207 3.42 24.24 1.03
C PRO A 207 4.86 24.74 1.01
N ASN A 208 5.18 25.79 1.77
CA ASN A 208 6.57 26.27 1.80
C ASN A 208 7.54 25.25 2.37
N CYS A 209 7.06 24.19 3.00
CA CYS A 209 7.97 23.18 3.53
C CYS A 209 8.74 22.44 2.43
N VAL A 210 8.32 22.55 1.16
CA VAL A 210 9.08 21.90 0.09
C VAL A 210 10.44 22.55 -0.08
N TYR A 211 10.56 23.83 0.27
CA TYR A 211 11.82 24.54 0.08
C TYR A 211 12.89 24.11 1.06
N GLU A 212 12.53 23.41 2.14
CA GLU A 212 13.52 22.99 3.12
C GLU A 212 14.51 21.99 2.53
N THR A 213 14.06 21.15 1.58
CA THR A 213 14.91 20.16 0.94
C THR A 213 15.24 20.49 -0.52
N THR A 214 14.39 21.27 -1.19
CA THR A 214 14.57 21.60 -2.60
C THR A 214 14.26 23.08 -2.78
N PRO A 215 15.22 23.95 -2.46
CA PRO A 215 14.95 25.40 -2.49
C PRO A 215 14.81 26.00 -3.89
N ASN A 216 15.19 25.29 -4.96
CA ASN A 216 15.22 25.88 -6.29
C ASN A 216 13.99 25.54 -7.14
N VAL A 217 12.91 25.07 -6.52
CA VAL A 217 11.71 24.72 -7.24
C VAL A 217 10.72 25.88 -7.15
N LYS A 218 9.75 25.89 -8.05
CA LYS A 218 8.62 26.81 -7.96
C LYS A 218 7.35 26.01 -7.76
N ILE A 219 6.47 26.52 -6.90
CA ILE A 219 5.18 25.88 -6.67
C ILE A 219 4.10 26.93 -6.84
N PRO A 220 2.86 26.52 -7.10
CA PRO A 220 1.81 27.50 -7.37
C PRO A 220 1.39 28.24 -6.11
N ASP A 221 0.62 29.30 -6.31
CA ASP A 221 0.04 30.08 -5.21
C ASP A 221 -1.14 29.32 -4.61
N PHE A 222 -0.95 28.77 -3.41
CA PHE A 222 -2.04 28.21 -2.62
C PHE A 222 -2.85 29.36 -2.04
N ALA A 223 -3.74 29.91 -2.88
CA ALA A 223 -4.53 31.09 -2.52
C ALA A 223 -5.65 30.77 -1.54
N VAL A 224 -5.91 29.49 -1.28
CA VAL A 224 -6.92 29.06 -0.32
C VAL A 224 -6.24 28.09 0.64
N SER A 225 -6.81 27.96 1.84
CA SER A 225 -6.20 27.12 2.87
C SER A 225 -6.71 25.69 2.80
N PHE A 226 -5.77 24.74 2.87
CA PHE A 226 -6.05 23.33 2.97
C PHE A 226 -5.87 22.80 4.39
N ARG A 227 -5.62 23.68 5.36
CA ARG A 227 -5.29 23.23 6.71
C ARG A 227 -6.46 22.51 7.37
N GLU A 228 -7.68 22.99 7.15
CA GLU A 228 -8.84 22.33 7.72
C GLU A 228 -9.07 20.97 7.07
N ASP A 229 -8.84 20.87 5.75
CA ASP A 229 -8.95 19.57 5.10
C ASP A 229 -7.96 18.56 5.68
N ALA A 230 -6.71 19.00 5.91
CA ALA A 230 -5.73 18.07 6.49
C ALA A 230 -6.26 17.50 7.80
N SER A 231 -6.91 18.35 8.60
N SER A 231 -6.91 18.33 8.61
CA SER A 231 -7.52 17.90 9.84
CA SER A 231 -7.51 17.86 9.84
C SER A 231 -8.64 16.90 9.58
C SER A 231 -8.64 16.87 9.58
N LYS A 232 -9.45 17.14 8.54
CA LYS A 232 -10.58 16.27 8.24
C LYS A 232 -10.10 14.89 7.78
N HIS A 233 -9.01 14.84 7.01
CA HIS A 233 -8.48 13.54 6.59
C HIS A 233 -8.18 12.68 7.79
N VAL A 234 -7.57 13.28 8.83
CA VAL A 234 -7.20 12.53 10.03
C VAL A 234 -8.44 12.14 10.82
N GLU A 235 -9.37 13.10 10.99
CA GLU A 235 -10.56 12.82 11.80
C GLU A 235 -11.46 11.77 11.15
N LEU A 236 -11.70 11.89 9.84
CA LEU A 236 -12.54 10.89 9.18
C LEU A 236 -11.90 9.52 9.23
N ALA A 237 -10.57 9.46 9.09
CA ALA A 237 -9.86 8.18 9.22
C ALA A 237 -10.08 7.57 10.60
N LYS A 238 -10.05 8.39 11.65
CA LYS A 238 -10.28 7.88 13.00
C LYS A 238 -11.70 7.32 13.14
N GLU A 239 -12.67 7.94 12.47
CA GLU A 239 -14.05 7.49 12.57
C GLU A 239 -14.26 6.19 11.80
N LYS A 240 -13.73 6.12 10.58
CA LYS A 240 -13.82 4.88 9.82
C LYS A 240 -13.13 3.73 10.55
N TYR A 241 -11.92 3.96 11.05
CA TYR A 241 -11.22 2.94 11.80
C TYR A 241 -12.04 2.47 13.01
N PHE A 242 -12.67 3.39 13.73
CA PHE A 242 -13.50 2.93 14.85
C PHE A 242 -14.63 2.03 14.37
N GLU A 243 -15.33 2.42 13.30
CA GLU A 243 -16.41 1.59 12.77
C GLU A 243 -15.96 0.16 12.49
N ILE A 244 -14.75 0.01 11.96
CA ILE A 244 -14.25 -1.31 11.59
C ILE A 244 -13.73 -2.07 12.80
N PHE A 245 -12.89 -1.43 13.62
CA PHE A 245 -12.13 -2.14 14.67
C PHE A 245 -12.56 -1.83 16.08
N GLY A 246 -13.44 -0.84 16.29
CA GLY A 246 -13.96 -0.61 17.62
C GLY A 246 -13.03 0.08 18.60
N GLU A 247 -12.01 0.78 18.11
CA GLU A 247 -11.15 1.63 18.92
C GLU A 247 -10.82 2.85 18.10
N HIS A 248 -10.43 3.93 18.77
CA HIS A 248 -9.79 5.02 18.05
C HIS A 248 -8.32 4.68 17.80
N PRO A 249 -7.81 4.88 16.59
CA PRO A 249 -6.42 4.50 16.29
C PRO A 249 -5.45 5.44 16.97
N VAL A 250 -4.45 4.87 17.65
CA VAL A 250 -3.39 5.66 18.26
C VAL A 250 -2.08 5.58 17.49
N TYR A 251 -2.00 4.73 16.47
CA TYR A 251 -0.86 4.67 15.56
C TYR A 251 -1.33 5.02 14.15
N MET A 252 -0.53 5.80 13.44
CA MET A 252 -0.82 6.11 12.04
C MET A 252 0.44 6.01 11.21
N TRP A 253 0.26 5.59 9.96
CA TRP A 253 1.32 5.66 8.96
C TRP A 253 1.12 6.93 8.15
N PRO A 254 2.05 7.88 8.18
CA PRO A 254 1.89 9.07 7.34
C PRO A 254 2.14 8.71 5.89
N PRO A 255 1.22 9.09 4.99
CA PRO A 255 1.40 8.71 3.58
C PRO A 255 2.74 9.17 3.04
N GLU A 256 3.41 8.27 2.32
CA GLU A 256 4.75 8.55 1.79
C GLU A 256 5.77 8.83 2.88
N ALA A 257 5.51 8.36 4.10
CA ALA A 257 6.36 8.60 5.26
C ALA A 257 6.51 10.09 5.56
N SER A 258 5.56 10.89 5.08
CA SER A 258 5.76 12.33 4.99
C SER A 258 5.48 12.99 6.32
N VAL A 259 6.48 13.71 6.84
CA VAL A 259 6.32 14.43 8.10
C VAL A 259 6.93 15.82 7.92
N SER A 260 6.53 16.70 8.84
CA SER A 260 7.10 18.02 9.05
C SER A 260 6.80 18.37 10.50
N ASN A 261 7.38 19.46 10.99
CA ASN A 261 7.06 19.90 12.34
C ASN A 261 5.58 20.17 12.49
N GLU A 262 4.97 20.77 11.45
CA GLU A 262 3.55 21.09 11.53
C GLU A 262 2.70 19.84 11.47
N ALA A 263 3.07 18.87 10.62
CA ALA A 263 2.28 17.65 10.54
C ALA A 263 2.38 16.85 11.83
N LEU A 264 3.56 16.79 12.44
CA LEU A 264 3.69 16.07 13.71
C LEU A 264 2.81 16.68 14.78
N GLU A 265 2.75 18.03 14.84
CA GLU A 265 1.86 18.67 15.79
C GLU A 265 0.39 18.33 15.52
N LEU A 266 0.00 18.25 14.24
CA LEU A 266 -1.39 17.90 13.92
C LEU A 266 -1.71 16.48 14.39
N TYR A 267 -0.86 15.50 14.08
CA TYR A 267 -1.09 14.16 14.57
C TYR A 267 -1.18 14.11 16.09
N TYR A 268 -0.31 14.87 16.77
CA TYR A 268 -0.40 14.95 18.23
C TYR A 268 -1.75 15.50 18.65
N GLU A 269 -2.20 16.58 18.01
CA GLU A 269 -3.45 17.23 18.41
C GLU A 269 -4.65 16.32 18.19
N LYS A 270 -4.55 15.37 17.25
CA LYS A 270 -5.64 14.45 16.95
C LYS A 270 -5.57 13.15 17.74
N GLY A 271 -4.66 13.05 18.72
CA GLY A 271 -4.61 11.89 19.58
C GLY A 271 -3.75 10.74 19.10
N ILE A 272 -2.99 10.92 18.02
CA ILE A 272 -2.06 9.87 17.59
C ILE A 272 -0.88 9.82 18.55
N ASN A 273 -0.55 8.63 19.06
CA ASN A 273 0.56 8.50 19.99
C ASN A 273 1.86 8.08 19.33
N MET A 274 1.83 7.47 18.14
CA MET A 274 3.03 7.02 17.47
C MET A 274 2.84 6.99 15.96
N LEU A 275 3.89 7.37 15.25
CA LEU A 275 3.98 7.15 13.82
C LEU A 275 5.40 6.71 13.50
N ALA A 276 5.58 6.20 12.28
CA ALA A 276 6.91 5.93 11.76
C ALA A 276 7.13 6.78 10.52
N THR A 277 8.39 6.99 10.18
CA THR A 277 8.75 7.71 8.96
C THR A 277 10.07 7.12 8.46
N ASP A 278 10.78 7.85 7.59
CA ASP A 278 11.89 7.26 6.87
C ASP A 278 13.24 7.64 7.45
N GLU A 279 14.24 6.79 7.22
CA GLU A 279 15.58 7.02 7.74
C GLU A 279 16.22 8.27 7.13
N VAL A 280 15.90 8.59 5.87
CA VAL A 280 16.49 9.78 5.24
C VAL A 280 16.06 11.03 6.00
N ILE A 281 14.83 11.06 6.48
CA ILE A 281 14.36 12.19 7.27
C ILE A 281 15.18 12.30 8.54
N LEU A 282 15.40 11.15 9.20
CA LEU A 282 16.24 11.13 10.40
C LEU A 282 17.61 11.74 10.12
N LYS A 283 18.28 11.27 9.07
CA LYS A 283 19.63 11.76 8.79
C LYS A 283 19.62 13.22 8.36
N ASN A 284 18.55 13.66 7.68
CA ASN A 284 18.43 15.06 7.34
C ASN A 284 18.20 15.95 8.56
N SER A 285 17.75 15.35 9.68
CA SER A 285 17.26 16.12 10.82
C SER A 285 18.15 16.06 12.06
N VAL A 286 18.84 14.96 12.27
CA VAL A 286 19.64 14.79 13.47
C VAL A 286 21.01 14.22 13.17
N GLU A 287 22.03 14.86 13.69
CA GLU A 287 23.38 14.39 13.52
C GLU A 287 23.67 13.14 14.30
N ARG A 288 24.45 12.28 13.73
CA ARG A 288 24.84 11.11 14.47
C ARG A 288 23.67 10.26 15.01
N ALA A 289 22.59 10.13 14.26
CA ALA A 289 21.44 9.43 14.81
C ALA A 289 21.23 8.00 14.35
N SER A 290 20.72 7.18 15.26
CA SER A 290 20.44 5.80 14.95
C SER A 290 18.95 5.55 14.81
N PRO A 291 18.59 4.74 13.81
CA PRO A 291 17.16 4.41 13.68
C PRO A 291 16.69 3.31 14.62
N TYR A 292 17.52 2.87 15.57
CA TYR A 292 17.17 1.74 16.42
C TYR A 292 16.64 2.18 17.78
N LEU A 293 16.28 3.46 17.91
CA LEU A 293 15.79 4.07 19.14
C LEU A 293 14.34 4.47 18.95
N ARG A 294 13.60 4.57 20.06
CA ARG A 294 12.30 5.22 20.04
C ARG A 294 12.52 6.71 20.28
N TYR A 295 12.05 7.55 19.36
CA TYR A 295 12.21 8.99 19.49
C TYR A 295 10.93 9.61 20.00
N TYR A 296 11.09 10.70 20.73
CA TYR A 296 9.98 11.49 21.25
C TYR A 296 10.12 12.88 20.66
N PHE A 297 9.21 13.23 19.74
CA PHE A 297 9.23 14.54 19.11
C PHE A 297 8.65 15.57 20.07
N ARG A 298 9.50 16.46 20.58
CA ARG A 298 9.10 17.54 21.48
C ARG A 298 8.36 17.02 22.72
N GLU A 299 8.58 15.74 23.05
CA GLU A 299 7.87 15.04 24.11
C GLU A 299 6.36 15.01 23.88
N LEU A 300 5.93 15.13 22.62
CA LEU A 300 4.52 15.14 22.24
C LEU A 300 4.06 13.83 21.64
N ILE A 301 4.89 13.18 20.84
CA ILE A 301 4.48 11.99 20.10
C ILE A 301 5.72 11.15 19.85
N SER A 302 5.54 9.83 19.84
CA SER A 302 6.64 8.90 19.57
C SER A 302 6.82 8.71 18.07
N VAL A 303 8.08 8.61 17.64
CA VAL A 303 8.39 8.44 16.22
C VAL A 303 9.44 7.34 16.12
N PHE A 304 9.20 6.38 15.24
CA PHE A 304 10.22 5.40 14.85
C PHE A 304 10.64 5.72 13.42
N PHE A 305 11.92 5.59 13.13
CA PHE A 305 12.41 5.75 11.76
C PHE A 305 12.74 4.36 11.23
N ARG A 306 12.17 4.00 10.09
CA ARG A 306 12.36 2.65 9.59
C ARG A 306 13.79 2.43 9.16
N ASP A 307 14.18 1.15 9.16
CA ASP A 307 15.48 0.76 8.61
C ASP A 307 15.29 0.73 7.10
N LYS A 308 15.82 1.74 6.40
CA LYS A 308 15.59 1.85 4.98
C LYS A 308 16.22 0.68 4.22
N THR A 309 17.42 0.26 4.62
CA THR A 309 18.10 -0.82 3.91
C THR A 309 17.29 -2.11 3.96
N LEU A 310 16.88 -2.53 5.15
CA LEU A 310 16.13 -3.79 5.26
C LEU A 310 14.80 -3.72 4.51
N SER A 311 14.12 -2.58 4.61
CA SER A 311 12.85 -2.41 3.89
C SER A 311 13.05 -2.43 2.38
N ASP A 312 14.11 -1.77 1.90
CA ASP A 312 14.38 -1.74 0.46
C ASP A 312 14.86 -3.10 -0.06
N LEU A 313 15.45 -3.91 0.81
CA LEU A 313 15.87 -5.25 0.38
C LEU A 313 14.67 -6.06 -0.07
N ILE A 314 13.60 -6.07 0.74
CA ILE A 314 12.40 -6.81 0.40
C ILE A 314 11.68 -6.16 -0.77
N GLY A 315 11.61 -4.83 -0.78
CA GLY A 315 10.83 -4.14 -1.79
C GLY A 315 11.47 -4.09 -3.16
N PHE A 316 12.80 -4.09 -3.22
CA PHE A 316 13.52 -3.85 -4.48
C PHE A 316 14.48 -4.97 -4.89
N SER A 317 15.09 -5.70 -3.97
CA SER A 317 16.21 -6.56 -4.35
C SER A 317 15.88 -8.05 -4.31
N TYR A 318 15.25 -8.52 -3.23
CA TYR A 318 15.11 -9.94 -2.97
C TYR A 318 14.24 -10.67 -4.00
N HIS A 319 13.42 -9.97 -4.80
CA HIS A 319 12.60 -10.65 -5.79
C HIS A 319 13.45 -11.53 -6.72
N ALA A 320 14.70 -11.14 -6.99
CA ALA A 320 15.55 -11.87 -7.94
C ALA A 320 16.46 -12.89 -7.26
N TRP A 321 16.42 -13.01 -5.94
CA TRP A 321 17.26 -13.97 -5.22
C TRP A 321 16.51 -15.28 -5.00
N ASN A 322 17.28 -16.35 -4.86
CA ASN A 322 16.74 -17.58 -4.32
C ASN A 322 16.21 -17.28 -2.92
N ALA A 323 15.03 -17.82 -2.59
CA ALA A 323 14.39 -17.46 -1.33
C ALA A 323 15.25 -17.85 -0.12
N GLU A 324 15.87 -19.03 -0.17
CA GLU A 324 16.70 -19.47 0.94
C GLU A 324 17.89 -18.52 1.16
N ASP A 325 18.55 -18.10 0.08
CA ASP A 325 19.68 -17.21 0.20
C ASP A 325 19.26 -15.82 0.69
N ALA A 326 18.08 -15.35 0.26
CA ALA A 326 17.57 -14.05 0.70
C ALA A 326 17.28 -14.05 2.20
N VAL A 327 16.67 -15.11 2.70
CA VAL A 327 16.37 -15.18 4.12
C VAL A 327 17.65 -15.28 4.94
N ARG A 328 18.62 -16.07 4.48
CA ARG A 328 19.87 -16.18 5.25
C ARG A 328 20.60 -14.86 5.26
N ASP A 329 20.52 -14.11 4.16
CA ASP A 329 21.13 -12.77 4.09
C ASP A 329 20.44 -11.82 5.07
N PHE A 330 19.11 -11.89 5.14
CA PHE A 330 18.34 -11.03 6.02
C PHE A 330 18.67 -11.29 7.48
N ILE A 331 18.77 -12.57 7.86
CA ILE A 331 19.14 -12.92 9.23
C ILE A 331 20.56 -12.46 9.54
N GLY A 332 21.47 -12.61 8.58
CA GLY A 332 22.84 -12.15 8.80
C GLY A 332 22.92 -10.66 9.08
N ARG A 333 22.05 -9.87 8.43
CA ARG A 333 22.03 -8.44 8.72
C ARG A 333 21.45 -8.15 10.10
N LEU A 334 20.40 -8.86 10.50
CA LEU A 334 19.88 -8.70 11.85
C LEU A 334 20.93 -9.04 12.90
N LYS A 335 21.73 -10.09 12.64
CA LYS A 335 22.82 -10.44 13.54
C LYS A 335 23.82 -9.30 13.67
N LYS A 336 24.21 -8.69 12.54
CA LYS A 336 25.15 -7.58 12.60
C LYS A 336 24.59 -6.40 13.41
N ILE A 337 23.33 -6.04 13.18
CA ILE A 337 22.70 -4.99 13.98
C ILE A 337 22.78 -5.34 15.46
N HIS A 338 22.44 -6.59 15.80
CA HIS A 338 22.37 -7.03 17.18
C HIS A 338 23.74 -6.96 17.85
N GLU A 339 24.79 -7.41 17.14
CA GLU A 339 26.13 -7.39 17.68
C GLU A 339 26.73 -5.99 17.71
N SER A 340 26.09 -5.00 17.08
CA SER A 340 26.71 -3.69 16.90
C SER A 340 26.33 -2.66 17.96
N VAL A 341 25.36 -2.97 18.82
CA VAL A 341 24.92 -2.05 19.86
C VAL A 341 24.90 -2.80 21.19
N ASP A 342 25.10 -2.06 22.27
CA ASP A 342 25.05 -2.67 23.59
C ASP A 342 23.68 -2.56 24.24
N PHE A 343 22.72 -1.92 23.56
CA PHE A 343 21.33 -1.87 23.97
C PHE A 343 20.50 -2.76 23.07
N GLN A 344 19.20 -2.87 23.37
CA GLN A 344 18.31 -3.70 22.57
C GLN A 344 17.73 -2.88 21.44
N PRO A 345 18.17 -3.08 20.19
CA PRO A 345 17.68 -2.23 19.10
C PRO A 345 16.25 -2.56 18.67
N VAL A 346 15.54 -1.52 18.25
CA VAL A 346 14.22 -1.66 17.65
C VAL A 346 14.37 -1.43 16.15
N VAL A 347 14.06 -2.44 15.36
CA VAL A 347 14.28 -2.44 13.92
C VAL A 347 12.94 -2.40 13.21
N PHE A 348 12.59 -1.25 12.61
CA PHE A 348 11.31 -1.11 11.90
C PHE A 348 11.52 -1.40 10.42
N VAL A 349 10.80 -2.41 9.91
CA VAL A 349 10.78 -2.76 8.50
C VAL A 349 9.42 -2.34 7.97
N VAL A 350 9.40 -1.29 7.15
CA VAL A 350 8.13 -0.67 6.77
C VAL A 350 8.11 -0.47 5.26
N LEU A 351 7.08 -1.00 4.61
CA LEU A 351 6.99 -0.86 3.16
C LEU A 351 5.59 -1.28 2.74
N ASN A 352 5.24 -1.06 1.50
CA ASN A 352 3.97 -1.51 0.99
C ASN A 352 3.90 -3.05 1.10
N GLY A 353 2.73 -3.56 1.45
CA GLY A 353 2.60 -5.00 1.59
C GLY A 353 1.98 -5.73 0.42
N GLU A 354 1.71 -5.06 -0.71
CA GLU A 354 0.98 -5.71 -1.78
C GLU A 354 1.62 -5.58 -3.16
N ASN A 355 2.64 -4.74 -3.32
CA ASN A 355 3.18 -4.45 -4.65
C ASN A 355 4.43 -5.23 -5.02
N CYS A 356 5.21 -5.72 -4.06
CA CYS A 356 6.47 -6.31 -4.47
C CYS A 356 6.37 -7.79 -4.82
N TRP A 357 5.32 -8.49 -4.36
CA TRP A 357 5.29 -9.94 -4.45
C TRP A 357 5.10 -10.45 -5.88
N GLU A 358 4.36 -9.71 -6.72
CA GLU A 358 4.16 -10.14 -8.10
C GLU A 358 5.49 -10.30 -8.85
N TYR A 359 6.57 -9.71 -8.37
CA TYR A 359 7.87 -9.85 -9.02
C TYR A 359 8.71 -10.99 -8.44
N TYR A 360 8.25 -11.65 -7.37
CA TYR A 360 8.91 -12.83 -6.79
C TYR A 360 8.38 -14.10 -7.44
N GLU A 361 9.21 -15.14 -7.45
CA GLU A 361 8.73 -16.45 -7.89
C GLU A 361 7.63 -16.92 -6.94
N GLU A 362 6.58 -17.50 -7.52
CA GLU A 362 5.39 -17.97 -6.80
C GLU A 362 4.86 -16.91 -5.83
N ASN A 363 4.81 -15.67 -6.28
CA ASN A 363 4.10 -14.60 -5.57
C ASN A 363 4.68 -14.37 -4.17
N GLY A 364 5.98 -14.63 -4.00
CA GLY A 364 6.64 -14.39 -2.72
C GLY A 364 6.39 -15.43 -1.66
N ILE A 365 5.65 -16.49 -1.96
CA ILE A 365 5.26 -17.43 -0.91
C ILE A 365 6.46 -18.22 -0.40
N PRO A 366 7.34 -18.77 -1.26
CA PRO A 366 8.55 -19.40 -0.70
C PRO A 366 9.39 -18.45 0.15
N PHE A 367 9.49 -17.19 -0.24
CA PHE A 367 10.29 -16.25 0.53
C PHE A 367 9.70 -15.97 1.90
N LEU A 368 8.42 -15.57 1.96
CA LEU A 368 7.81 -15.22 3.24
C LEU A 368 7.66 -16.44 4.15
N GLU A 369 7.32 -17.60 3.58
CA GLU A 369 7.21 -18.80 4.41
C GLU A 369 8.55 -19.16 5.04
N LYS A 370 9.64 -19.05 4.27
CA LYS A 370 10.95 -19.32 4.83
C LYS A 370 11.36 -18.24 5.84
N LEU A 371 11.06 -16.99 5.53
CA LEU A 371 11.40 -15.89 6.44
C LEU A 371 10.66 -16.04 7.75
N TYR A 372 9.33 -16.24 7.68
CA TYR A 372 8.54 -16.31 8.90
C TYR A 372 8.84 -17.57 9.69
N SER A 373 9.10 -18.70 9.00
CA SER A 373 9.46 -19.94 9.68
C SER A 373 10.79 -19.79 10.41
N THR A 374 11.73 -19.05 9.84
CA THR A 374 13.00 -18.81 10.50
C THR A 374 12.83 -17.85 11.67
N LEU A 375 12.04 -16.79 11.49
CA LEU A 375 11.91 -15.80 12.56
C LEU A 375 11.23 -16.38 13.78
N GLU A 376 10.22 -17.24 13.58
CA GLU A 376 9.54 -17.78 14.75
C GLU A 376 10.46 -18.68 15.58
N LYS A 377 11.62 -19.07 15.05
CA LYS A 377 12.51 -19.98 15.75
C LYS A 377 13.79 -19.33 16.26
N GLU A 378 14.00 -18.04 16.03
CA GLU A 378 15.17 -17.33 16.54
C GLU A 378 14.85 -16.74 17.91
N GLU A 379 15.43 -17.31 18.96
CA GLU A 379 15.05 -16.86 20.30
C GLU A 379 15.62 -15.49 20.66
N TRP A 380 16.68 -15.04 19.99
CA TRP A 380 17.24 -13.72 20.23
C TRP A 380 16.49 -12.62 19.45
N ILE A 381 15.54 -12.98 18.60
CA ILE A 381 14.71 -12.00 17.90
C ILE A 381 13.30 -12.06 18.48
N GLU A 382 12.78 -10.92 18.89
CA GLU A 382 11.39 -10.83 19.31
C GLU A 382 10.66 -9.90 18.34
N THR A 383 9.77 -10.47 17.53
CA THR A 383 8.90 -9.63 16.70
C THR A 383 7.81 -9.00 17.59
N LEU A 384 7.48 -7.74 17.31
CA LEU A 384 6.61 -6.96 18.18
C LEU A 384 5.39 -6.44 17.43
N THR A 385 4.27 -6.31 18.14
CA THR A 385 3.22 -5.45 17.63
C THR A 385 3.62 -3.99 17.81
N LEU A 386 2.91 -3.10 17.11
CA LEU A 386 3.17 -1.68 17.29
C LEU A 386 2.93 -1.26 18.72
N GLU A 387 1.90 -1.85 19.35
CA GLU A 387 1.59 -1.55 20.75
C GLU A 387 2.74 -1.96 21.65
N GLU A 388 3.35 -3.13 21.41
CA GLU A 388 4.49 -3.56 22.21
C GLU A 388 5.70 -2.66 21.99
N ALA A 389 5.93 -2.26 20.73
CA ALA A 389 7.04 -1.36 20.43
C ALA A 389 6.91 -0.04 21.19
N MET A 390 5.69 0.45 21.32
CA MET A 390 5.51 1.75 21.94
C MET A 390 5.55 1.69 23.46
N ARG A 391 5.25 0.55 24.04
CA ARG A 391 5.19 0.41 25.49
C ARG A 391 6.41 -0.29 26.10
N LYS A 392 7.31 -0.84 25.28
CA LYS A 392 8.44 -1.57 25.83
C LYS A 392 9.34 -0.63 26.62
N GLU A 393 9.73 -1.08 27.79
CA GLU A 393 10.55 -0.34 28.76
C GLU A 393 12.05 -0.37 28.44
N ASP A 394 12.53 -1.52 27.98
CA ASP A 394 13.96 -1.79 27.85
C ASP A 394 14.47 -1.46 26.45
N VAL A 395 14.09 -0.29 25.98
CA VAL A 395 14.52 0.27 24.71
C VAL A 395 15.21 1.59 24.99
N LYS A 396 16.08 2.00 24.07
CA LYS A 396 16.76 3.28 24.16
C LYS A 396 15.91 4.35 23.47
N THR A 397 15.81 5.52 24.08
CA THR A 397 14.98 6.60 23.56
C THR A 397 15.75 7.92 23.51
N GLU A 398 15.24 8.84 22.68
CA GLU A 398 15.90 10.12 22.49
C GLU A 398 14.84 11.15 22.17
N VAL A 399 15.01 12.37 22.70
CA VAL A 399 14.12 13.48 22.41
C VAL A 399 14.69 14.27 21.25
N ILE A 400 13.84 14.66 20.29
CA ILE A 400 14.25 15.53 19.20
C ILE A 400 13.22 16.64 19.04
N GLU A 401 13.69 17.80 18.56
CA GLU A 401 12.89 19.01 18.56
C GLU A 401 12.45 19.49 17.18
N SER A 402 13.05 18.96 16.11
CA SER A 402 12.77 19.49 14.78
C SER A 402 13.09 18.42 13.74
N VAL A 403 12.28 18.35 12.70
CA VAL A 403 12.58 17.51 11.55
C VAL A 403 12.58 18.36 10.30
N LYS A 404 13.37 17.95 9.31
CA LYS A 404 13.32 18.55 7.98
C LYS A 404 12.23 17.86 7.19
N ALA A 405 11.21 18.61 6.79
CA ALA A 405 10.07 18.02 6.06
C ALA A 405 10.54 17.22 4.85
N GLY A 406 9.83 16.14 4.56
CA GLY A 406 10.21 15.30 3.44
C GLY A 406 9.30 14.09 3.35
N THR A 407 9.68 13.17 2.45
CA THR A 407 9.00 11.90 2.23
C THR A 407 10.06 10.79 2.13
N TRP A 408 9.63 9.54 2.04
CA TRP A 408 10.59 8.46 1.82
C TRP A 408 11.06 8.36 0.37
N PHE A 409 10.61 9.24 -0.53
CA PHE A 409 11.24 9.33 -1.86
C PHE A 409 12.30 10.43 -1.78
N ASP A 410 13.54 10.03 -1.53
CA ASP A 410 14.71 10.91 -1.54
C ASP A 410 14.65 12.03 -0.50
N GLY A 411 13.75 11.91 0.48
CA GLY A 411 13.60 12.95 1.47
C GLY A 411 12.98 14.24 0.98
N ASN A 412 12.35 14.26 -0.20
CA ASN A 412 11.79 15.50 -0.73
C ASN A 412 10.44 15.21 -1.38
N PHE A 413 9.85 16.25 -1.97
CA PHE A 413 8.48 16.19 -2.45
C PHE A 413 8.39 16.22 -3.98
N LEU A 414 9.51 16.09 -4.68
CA LEU A 414 9.56 16.38 -6.11
C LEU A 414 8.76 15.39 -6.95
N LYS A 415 8.41 14.23 -6.41
CA LYS A 415 7.57 13.31 -7.17
C LYS A 415 6.09 13.70 -7.17
N TRP A 416 5.70 14.74 -6.43
CA TRP A 416 4.31 15.15 -6.35
C TRP A 416 4.07 16.63 -6.65
N ILE A 417 5.13 17.45 -6.69
CA ILE A 417 4.99 18.90 -6.88
C ILE A 417 6.34 19.43 -7.35
N GLY A 418 6.31 20.61 -7.97
CA GLY A 418 7.52 21.33 -8.32
C GLY A 418 7.86 21.41 -9.80
N ASN A 419 7.29 20.53 -10.63
CA ASN A 419 7.47 20.68 -12.07
C ASN A 419 6.17 21.18 -12.70
N LYS A 420 6.24 21.47 -14.01
CA LYS A 420 5.13 22.15 -14.67
C LYS A 420 3.88 21.28 -14.67
N GLU A 421 4.02 20.00 -15.03
CA GLU A 421 2.84 19.14 -15.10
C GLU A 421 2.25 18.90 -13.72
N LYS A 422 3.10 18.51 -12.75
CA LYS A 422 2.60 18.28 -11.40
C LYS A 422 1.99 19.53 -10.80
N ASN A 423 2.63 20.71 -11.00
CA ASN A 423 2.03 21.96 -10.53
C ASN A 423 0.65 22.19 -11.14
N GLU A 424 0.43 21.70 -12.37
CA GLU A 424 -0.85 21.92 -13.02
C GLU A 424 -1.98 21.26 -12.23
N TYR A 425 -1.75 20.05 -11.71
CA TYR A 425 -2.75 19.40 -10.89
C TYR A 425 -3.02 20.18 -9.61
N TRP A 426 -1.98 20.77 -9.01
CA TRP A 426 -2.19 21.55 -7.79
C TRP A 426 -2.96 22.82 -8.10
N LYS A 427 -2.70 23.45 -9.25
CA LYS A 427 -3.49 24.62 -9.65
C LYS A 427 -4.96 24.26 -9.85
N ILE A 428 -5.23 23.15 -10.53
CA ILE A 428 -6.61 22.67 -10.65
C ILE A 428 -7.24 22.48 -9.27
N LEU A 429 -6.51 21.83 -8.36
CA LEU A 429 -7.04 21.58 -7.02
C LEU A 429 -7.30 22.87 -6.27
N ILE A 430 -6.37 23.82 -6.36
CA ILE A 430 -6.52 25.09 -5.64
C ILE A 430 -7.76 25.83 -6.14
N GLU A 431 -7.92 25.95 -7.46
CA GLU A 431 -9.08 26.66 -8.01
C GLU A 431 -10.38 25.93 -7.66
N ALA A 432 -10.37 24.59 -7.69
CA ALA A 432 -11.56 23.85 -7.31
C ALA A 432 -11.88 23.99 -5.83
N LYS A 433 -10.85 23.97 -4.96
CA LYS A 433 -11.08 24.17 -3.54
C LYS A 433 -11.84 25.47 -3.26
N LYS A 434 -11.57 26.52 -4.05
CA LYS A 434 -12.25 27.80 -3.85
C LYS A 434 -13.77 27.66 -4.00
N LYS A 435 -14.23 26.70 -4.79
CA LYS A 435 -15.65 26.52 -5.05
C LYS A 435 -16.17 25.18 -4.55
N ALA A 436 -15.41 24.47 -3.72
CA ALA A 436 -15.79 23.11 -3.35
C ALA A 436 -17.04 23.11 -2.47
N LYS A 437 -17.90 22.12 -2.69
CA LYS A 437 -19.14 21.97 -1.92
C LYS A 437 -19.27 20.64 -1.19
N ASN A 438 -18.37 19.69 -1.39
CA ASN A 438 -18.52 18.38 -0.74
C ASN A 438 -17.14 17.73 -0.59
N ASP A 439 -17.15 16.55 0.02
CA ASP A 439 -15.92 15.86 0.38
C ASP A 439 -15.23 15.18 -0.79
N TYR A 440 -15.75 15.30 -2.02
CA TYR A 440 -14.96 14.80 -3.14
C TYR A 440 -13.69 15.61 -3.33
N ILE A 441 -13.63 16.83 -2.77
CA ILE A 441 -12.37 17.59 -2.81
C ILE A 441 -11.31 16.87 -1.99
N LEU A 442 -11.73 16.15 -0.93
CA LEU A 442 -10.73 15.41 -0.15
C LEU A 442 -10.21 14.22 -0.96
N VAL A 443 -11.07 13.60 -1.76
CA VAL A 443 -10.63 12.50 -2.62
C VAL A 443 -9.54 12.98 -3.56
N ALA A 444 -9.75 14.16 -4.15
CA ALA A 444 -8.80 14.74 -5.10
C ALA A 444 -7.49 15.17 -4.46
N GLU A 445 -7.43 15.25 -3.11
CA GLU A 445 -6.19 15.58 -2.41
C GLU A 445 -5.29 14.36 -2.20
N GLY A 446 -5.72 13.18 -2.64
CA GLY A 446 -4.90 12.00 -2.47
C GLY A 446 -3.63 12.07 -3.30
N SER A 447 -2.55 11.50 -2.75
CA SER A 447 -1.24 11.65 -3.37
C SER A 447 -1.10 10.93 -4.70
N ASP A 448 -1.90 9.86 -4.93
CA ASP A 448 -1.70 9.06 -6.15
C ASP A 448 -1.89 9.88 -7.43
N TRP A 449 -2.84 10.82 -7.44
CA TRP A 449 -3.12 11.58 -8.65
C TRP A 449 -1.91 12.41 -9.06
N PHE A 450 -1.23 13.03 -8.10
CA PHE A 450 -0.07 13.86 -8.39
C PHE A 450 1.16 13.01 -8.72
N TRP A 451 1.23 11.81 -8.14
CA TRP A 451 2.31 10.89 -8.47
C TRP A 451 2.29 10.56 -9.97
N TRP A 452 1.13 10.18 -10.49
CA TRP A 452 1.02 9.75 -11.89
C TRP A 452 1.10 10.92 -12.87
N GLN A 453 0.84 12.11 -12.39
CA GLN A 453 0.84 13.25 -13.27
C GLN A 453 2.23 13.44 -13.87
N GLY A 454 2.31 13.63 -15.18
CA GLY A 454 3.58 13.73 -15.84
C GLY A 454 4.10 12.42 -16.36
N GLU A 455 3.54 11.32 -15.90
CA GLU A 455 3.94 10.00 -16.38
C GLU A 455 3.30 9.74 -17.73
N GLU A 456 4.13 9.54 -18.73
CA GLU A 456 3.57 9.38 -20.07
C GLU A 456 3.76 8.00 -20.70
N LYS A 457 4.44 7.10 -20.02
CA LYS A 457 4.74 5.82 -20.62
C LYS A 457 3.93 4.72 -20.02
N ALA A 458 3.11 5.06 -19.07
CA ALA A 458 2.40 4.02 -18.40
C ALA A 458 1.06 3.75 -19.04
N PRO A 459 0.86 2.52 -19.46
CA PRO A 459 -0.46 2.18 -19.93
C PRO A 459 -1.48 2.46 -18.82
N PHE A 460 -2.68 2.88 -19.19
CA PHE A 460 -3.77 3.21 -18.26
C PHE A 460 -3.53 4.49 -17.47
N VAL A 461 -2.45 5.23 -17.73
CA VAL A 461 -2.23 6.44 -16.96
C VAL A 461 -3.26 7.52 -17.26
N GLU A 462 -3.89 7.49 -18.44
CA GLU A 462 -5.00 8.39 -18.71
C GLU A 462 -6.17 8.15 -17.77
N VAL A 463 -6.33 6.91 -17.28
CA VAL A 463 -7.44 6.63 -16.37
C VAL A 463 -7.30 7.39 -15.07
N PHE A 464 -6.07 7.47 -14.51
CA PHE A 464 -5.86 8.23 -13.30
C PHE A 464 -6.22 9.70 -13.51
N ASP A 465 -5.90 10.24 -14.69
CA ASP A 465 -6.27 11.63 -14.97
C ASP A 465 -7.79 11.79 -15.06
N LYS A 466 -8.47 10.85 -15.70
CA LYS A 466 -9.94 10.90 -15.78
C LYS A 466 -10.56 10.89 -14.39
N LEU A 467 -10.05 10.06 -13.49
CA LEU A 467 -10.58 9.99 -12.13
C LEU A 467 -10.35 11.30 -11.38
N PHE A 468 -9.09 11.77 -11.34
CA PHE A 468 -8.79 13.02 -10.67
C PHE A 468 -9.71 14.15 -11.13
N ARG A 469 -9.83 14.31 -12.45
CA ARG A 469 -10.63 15.42 -12.96
C ARG A 469 -12.10 15.22 -12.67
N SER A 470 -12.60 13.98 -12.67
CA SER A 470 -13.99 13.74 -12.31
C SER A 470 -14.26 14.08 -10.85
N PHE A 471 -13.34 13.71 -9.94
CA PHE A 471 -13.52 14.04 -8.54
C PHE A 471 -13.50 15.56 -8.33
N VAL A 472 -12.58 16.25 -9.02
CA VAL A 472 -12.51 17.70 -8.94
C VAL A 472 -13.82 18.31 -9.45
N ARG A 473 -14.37 17.76 -10.53
CA ARG A 473 -15.63 18.28 -11.06
C ARG A 473 -16.77 18.02 -10.08
N ARG A 474 -16.85 16.80 -9.55
CA ARG A 474 -17.91 16.44 -8.61
C ARG A 474 -17.83 17.24 -7.32
N ALA A 475 -16.61 17.61 -6.90
CA ALA A 475 -16.45 18.37 -5.66
C ALA A 475 -17.16 19.70 -5.71
N GLN A 476 -17.36 20.26 -6.90
CA GLN A 476 -17.92 21.59 -7.05
C GLN A 476 -19.43 21.58 -7.31
N GLU A 477 -20.07 20.42 -7.25
CA GLU A 477 -21.47 20.30 -7.60
C GLU A 477 -22.35 19.93 -6.40
#